data_3EDN
#
_entry.id   3EDN
#
_cell.length_a   60.089
_cell.length_b   65.638
_cell.length_c   150.170
_cell.angle_alpha   90.000
_cell.angle_beta   90.000
_cell.angle_gamma   90.000
#
_symmetry.space_group_name_H-M   'P 21 21 21'
#
loop_
_entity.id
_entity.type
_entity.pdbx_description
1 polymer 'Phenazine biosynthesis protein, PhzF family'
2 non-polymer 'SULFATE ION'
3 non-polymer 'SUCCINIC ACID'
4 non-polymer 'MAGNESIUM ION'
5 water water
#
_entity_poly.entity_id   1
_entity_poly.type   'polypeptide(L)'
_entity_poly.pdbx_seq_one_letter_code
;(MSE)KTINVFHYDAFTNKPN(MSE)GNPAGIVLDADGLTEEE(MSE)QRIAEKVGFNETSFVLSSEVADIR(MSE)RYF
TPGYE(MSE)DLCGHGTVGTIYALRERGLLEEKASLTIETKAGILPIQIGVNENGETFIK(MSE)RQTAPQFKDFAGSKE
ELAHSIGLEVNDLDVSLPIVYGSTGNWTVIVPVKNLDVCER(MSE)KPNNEVFPSVLKEIPNASIHPICLETYDEKVH
(MSE)HGRHFSSAYAGTIEDPVTGTASGV(MSE)GAYYATYVEKDFDHE(MSE)ELIVEQGQEIHKDGRVTVYVTKDVES
EKLQIDIAGTAVYVKEFEVLI
;
_entity_poly.pdbx_strand_id   A,B
#
# COMPACT_ATOMS: atom_id res chain seq x y z
N LYS A 2 8.82 -10.45 10.23
CA LYS A 2 8.12 -9.60 11.16
C LYS A 2 6.94 -10.34 11.74
N THR A 3 6.55 -10.00 12.96
CA THR A 3 5.42 -10.64 13.62
C THR A 3 4.23 -9.70 13.66
N ILE A 4 3.12 -10.14 13.08
CA ILE A 4 1.91 -9.33 13.02
C ILE A 4 0.81 -9.99 13.85
N ASN A 5 0.21 -9.25 14.76
CA ASN A 5 -0.91 -9.78 15.53
C ASN A 5 -2.21 -9.57 14.76
N VAL A 6 -2.92 -10.66 14.52
CA VAL A 6 -4.18 -10.63 13.78
C VAL A 6 -5.29 -11.08 14.70
N PHE A 7 -6.41 -10.37 14.67
CA PHE A 7 -7.58 -10.77 15.43
C PHE A 7 -8.61 -11.42 14.53
N HIS A 8 -9.33 -12.37 15.10
CA HIS A 8 -10.48 -12.98 14.48
C HIS A 8 -11.70 -12.55 15.31
N TYR A 9 -12.59 -11.76 14.70
CA TYR A 9 -13.91 -11.46 15.29
C TYR A 9 -14.93 -12.07 14.36
N ASP A 10 -16.03 -12.57 14.93
CA ASP A 10 -17.15 -13.04 14.09
C ASP A 10 -18.17 -11.93 14.01
N ALA A 11 -18.53 -11.52 12.80
CA ALA A 11 -19.55 -10.48 12.59
C ALA A 11 -20.96 -11.06 12.59
N PHE A 12 -21.93 -10.22 12.99
CA PHE A 12 -23.37 -10.55 12.99
C PHE A 12 -23.72 -11.69 13.95
N THR A 13 -23.01 -11.75 15.07
CA THR A 13 -23.34 -12.70 16.13
C THR A 13 -22.81 -12.19 17.46
N ASN A 14 -23.35 -12.74 18.54
CA ASN A 14 -22.84 -12.43 19.87
CA ASN A 14 -22.92 -12.45 19.89
C ASN A 14 -22.13 -13.62 20.49
N LYS A 15 -22.03 -14.71 19.74
CA LYS A 15 -21.33 -15.90 20.25
C LYS A 15 -20.17 -16.34 19.36
N PRO A 16 -18.99 -16.56 19.96
CA PRO A 16 -17.81 -16.98 19.18
C PRO A 16 -18.14 -18.19 18.29
N ASN A 17 -17.63 -18.18 17.08
CA ASN A 17 -17.79 -19.24 16.09
C ASN A 17 -19.13 -19.28 15.39
N GLY A 19 -20.70 -16.72 13.72
CA GLY A 19 -20.92 -15.67 12.74
C GLY A 19 -20.02 -15.75 11.51
N ASN A 20 -19.85 -14.59 10.87
CA ASN A 20 -19.08 -14.46 9.65
C ASN A 20 -17.69 -13.95 9.99
N PRO A 21 -16.67 -14.80 9.85
CA PRO A 21 -15.32 -14.41 10.29
C PRO A 21 -14.78 -13.17 9.63
N ALA A 22 -14.12 -12.36 10.45
CA ALA A 22 -13.54 -11.12 10.00
C ALA A 22 -12.13 -11.09 10.61
N GLY A 23 -11.09 -11.17 9.76
CA GLY A 23 -9.72 -10.94 10.22
C GLY A 23 -9.48 -9.46 10.38
N ILE A 24 -8.68 -9.08 11.35
CA ILE A 24 -8.44 -7.66 11.61
C ILE A 24 -7.00 -7.41 12.05
N VAL A 25 -6.37 -6.47 11.38
CA VAL A 25 -5.14 -5.85 11.88
C VAL A 25 -5.54 -4.45 12.35
N LEU A 26 -5.48 -4.25 13.68
CA LEU A 26 -6.03 -3.06 14.32
C LEU A 26 -5.24 -1.77 14.04
N ASP A 27 -3.95 -1.88 13.75
CA ASP A 27 -3.18 -0.72 13.29
C ASP A 27 -2.22 -1.18 12.21
N ALA A 28 -2.59 -0.91 10.97
CA ALA A 28 -1.85 -1.40 9.80
C ALA A 28 -0.94 -0.33 9.19
N ASP A 29 -0.70 0.76 9.92
CA ASP A 29 0.10 1.85 9.36
C ASP A 29 1.55 1.46 9.08
N GLY A 30 2.00 0.33 9.64
CA GLY A 30 3.35 -0.15 9.38
C GLY A 30 3.54 -1.10 8.20
N LEU A 31 2.49 -1.26 7.39
CA LEU A 31 2.45 -2.30 6.35
C LEU A 31 2.27 -1.74 4.95
N THR A 32 2.92 -2.37 3.98
CA THR A 32 2.65 -2.08 2.57
C THR A 32 1.43 -2.88 2.10
N GLU A 33 0.87 -2.47 0.96
CA GLU A 33 -0.23 -3.20 0.34
C GLU A 33 0.16 -4.64 -0.02
N GLU A 34 1.42 -4.89 -0.33
CA GLU A 34 1.83 -6.25 -0.64
C GLU A 34 1.83 -7.10 0.62
N GLU A 35 2.31 -6.52 1.71
CA GLU A 35 2.26 -7.18 3.00
C GLU A 35 0.82 -7.45 3.42
N GLN A 37 -1.79 -7.96 1.54
CA GLN A 37 -2.30 -9.06 0.72
C GLN A 37 -1.74 -10.42 1.20
N ARG A 38 -0.46 -10.43 1.54
CA ARG A 38 0.18 -11.65 2.04
C ARG A 38 -0.38 -12.06 3.40
N ILE A 39 -0.61 -11.07 4.26
CA ILE A 39 -1.19 -11.38 5.57
C ILE A 39 -2.58 -11.98 5.38
N ALA A 40 -3.38 -11.39 4.50
CA ALA A 40 -4.72 -11.92 4.27
C ALA A 40 -4.66 -13.35 3.72
N GLU A 41 -3.66 -13.65 2.89
CA GLU A 41 -3.52 -14.99 2.34
C GLU A 41 -3.18 -15.99 3.45
N LYS A 42 -2.24 -15.61 4.30
CA LYS A 42 -1.79 -16.48 5.39
C LYS A 42 -2.87 -16.68 6.47
N VAL A 43 -3.59 -15.61 6.78
CA VAL A 43 -4.75 -15.70 7.66
C VAL A 43 -5.77 -16.70 7.07
N GLY A 44 -6.04 -16.57 5.78
CA GLY A 44 -6.88 -17.56 5.09
C GLY A 44 -8.36 -17.47 5.40
N PHE A 45 -8.80 -16.42 6.09
CA PHE A 45 -10.22 -16.17 6.27
C PHE A 45 -10.80 -15.59 4.99
N ASN A 46 -12.11 -15.60 4.89
CA ASN A 46 -12.77 -15.01 3.72
C ASN A 46 -12.33 -13.56 3.47
N GLU A 47 -12.04 -12.83 4.55
CA GLU A 47 -11.60 -11.44 4.43
C GLU A 47 -10.87 -11.03 5.70
N THR A 48 -9.85 -10.18 5.50
CA THR A 48 -9.06 -9.54 6.57
C THR A 48 -9.02 -8.05 6.28
N SER A 49 -9.37 -7.24 7.29
CA SER A 49 -9.35 -5.77 7.20
C SER A 49 -8.15 -5.16 7.92
N PHE A 50 -7.76 -3.98 7.43
CA PHE A 50 -6.59 -3.28 7.90
C PHE A 50 -6.96 -1.84 8.23
N VAL A 51 -6.72 -1.45 9.49
CA VAL A 51 -7.11 -0.12 9.95
C VAL A 51 -5.96 0.86 9.78
N LEU A 52 -6.22 1.97 9.11
CA LEU A 52 -5.19 2.89 8.60
C LEU A 52 -5.52 4.34 8.93
N SER A 53 -4.51 5.20 8.80
CA SER A 53 -4.72 6.63 8.99
C SER A 53 -5.38 7.23 7.75
N SER A 54 -6.12 8.34 7.94
CA SER A 54 -6.83 8.98 6.84
C SER A 54 -6.63 10.49 6.87
N GLU A 55 -6.54 11.08 5.68
CA GLU A 55 -6.48 12.53 5.50
C GLU A 55 -7.86 13.18 5.50
N VAL A 56 -8.91 12.37 5.31
CA VAL A 56 -10.23 12.91 4.99
C VAL A 56 -11.37 12.30 5.82
N ALA A 57 -11.04 11.39 6.72
CA ALA A 57 -12.06 10.73 7.58
C ALA A 57 -11.43 10.34 8.91
N ASP A 58 -12.24 9.83 9.83
CA ASP A 58 -11.72 9.44 11.13
C ASP A 58 -10.65 8.35 10.99
N ILE A 59 -10.95 7.36 10.17
CA ILE A 59 -10.02 6.28 9.85
C ILE A 59 -10.16 5.89 8.40
N ARG A 60 -9.20 5.10 7.91
CA ARG A 60 -9.27 4.49 6.60
C ARG A 60 -9.25 2.98 6.81
N ARG A 62 -8.73 -0.82 4.58
CA ARG A 62 -8.61 -1.61 3.36
C ARG A 62 -9.05 -3.04 3.67
N TYR A 63 -9.61 -3.69 2.65
CA TYR A 63 -10.25 -5.01 2.81
C TYR A 63 -9.61 -5.99 1.83
N PHE A 64 -9.16 -7.14 2.30
CA PHE A 64 -8.53 -8.12 1.41
C PHE A 64 -9.09 -9.52 1.61
N THR A 65 -9.38 -10.20 0.51
CA THR A 65 -9.57 -11.64 0.55
C THR A 65 -8.17 -12.28 0.49
N PRO A 66 -8.07 -13.60 0.66
CA PRO A 66 -6.77 -14.25 0.50
C PRO A 66 -6.09 -13.96 -0.83
N GLY A 67 -6.87 -13.58 -1.83
CA GLY A 67 -6.31 -13.38 -3.19
C GLY A 67 -6.33 -12.00 -3.80
N TYR A 68 -7.17 -11.09 -3.29
CA TYR A 68 -7.32 -9.77 -3.91
C TYR A 68 -7.88 -8.73 -2.94
N GLU A 69 -7.79 -7.46 -3.33
CA GLU A 69 -8.34 -6.36 -2.53
C GLU A 69 -9.77 -6.05 -2.95
N ASP A 71 -13.04 -3.29 -2.63
CA ASP A 71 -13.30 -1.88 -2.31
C ASP A 71 -14.12 -1.71 -1.02
N LEU A 72 -15.00 -2.67 -0.76
CA LEU A 72 -15.91 -2.62 0.39
C LEU A 72 -16.08 -4.01 0.95
N CYS A 73 -16.33 -4.09 2.26
CA CYS A 73 -16.71 -5.34 2.88
C CYS A 73 -17.54 -5.06 4.12
N GLY A 74 -18.85 -5.30 4.03
CA GLY A 74 -19.74 -4.92 5.11
C GLY A 74 -19.47 -5.67 6.40
N HIS A 75 -19.36 -6.99 6.35
CA HIS A 75 -19.15 -7.75 7.58
C HIS A 75 -17.78 -7.43 8.21
N GLY A 76 -16.79 -7.13 7.36
CA GLY A 76 -15.47 -6.75 7.86
C GLY A 76 -15.52 -5.42 8.55
N THR A 77 -16.33 -4.50 8.03
CA THR A 77 -16.53 -3.21 8.68
C THR A 77 -17.23 -3.39 10.02
N VAL A 78 -18.30 -4.17 10.05
CA VAL A 78 -18.96 -4.45 11.32
C VAL A 78 -18.00 -5.05 12.36
N GLY A 79 -17.29 -6.11 11.97
CA GLY A 79 -16.38 -6.74 12.93
C GLY A 79 -15.27 -5.80 13.38
N THR A 80 -14.74 -5.03 12.43
CA THR A 80 -13.58 -4.17 12.73
C THR A 80 -13.96 -2.99 13.62
N ILE A 81 -15.03 -2.30 13.28
CA ILE A 81 -15.45 -1.19 14.11
C ILE A 81 -15.90 -1.69 15.49
N TYR A 82 -16.61 -2.81 15.53
CA TYR A 82 -16.96 -3.39 16.83
C TYR A 82 -15.69 -3.63 17.68
N ALA A 83 -14.68 -4.25 17.08
CA ALA A 83 -13.45 -4.53 17.83
C ALA A 83 -12.77 -3.25 18.29
N LEU A 84 -12.66 -2.27 17.40
CA LEU A 84 -12.04 -0.99 17.81
C LEU A 84 -12.80 -0.36 18.97
N ARG A 85 -14.12 -0.32 18.85
CA ARG A 85 -14.93 0.30 19.89
CA ARG A 85 -14.95 0.29 19.89
C ARG A 85 -14.80 -0.45 21.22
N GLU A 86 -14.99 -1.77 21.18
CA GLU A 86 -15.01 -2.53 22.41
CA GLU A 86 -15.02 -2.55 22.42
C GLU A 86 -13.65 -2.59 23.09
N ARG A 87 -12.59 -2.40 22.30
CA ARG A 87 -11.22 -2.43 22.85
C ARG A 87 -10.74 -1.10 23.38
N GLY A 88 -11.54 -0.05 23.23
CA GLY A 88 -11.13 1.29 23.67
C GLY A 88 -10.21 2.02 22.70
N LEU A 89 -10.33 1.69 21.42
CA LEU A 89 -9.42 2.19 20.38
C LEU A 89 -10.04 3.29 19.52
N LEU A 90 -11.25 3.71 19.87
CA LEU A 90 -11.92 4.82 19.17
C LEU A 90 -12.14 6.03 20.06
N GLU A 91 -12.39 7.18 19.44
CA GLU A 91 -12.80 8.37 20.19
C GLU A 91 -14.19 8.21 20.81
N GLU A 92 -14.52 9.07 21.78
CA GLU A 92 -15.82 9.07 22.43
C GLU A 92 -16.87 9.73 21.55
N LYS A 93 -17.39 8.98 20.59
CA LYS A 93 -18.48 9.46 19.76
CA LYS A 93 -18.49 9.46 19.78
C LYS A 93 -19.29 8.29 19.22
N ALA A 94 -20.53 8.57 18.83
CA ALA A 94 -21.49 7.56 18.41
C ALA A 94 -21.56 7.45 16.90
N SER A 95 -20.66 8.13 16.21
CA SER A 95 -20.55 7.98 14.76
C SER A 95 -19.11 8.11 14.32
N LEU A 96 -18.83 7.59 13.13
CA LEU A 96 -17.46 7.50 12.62
C LEU A 96 -17.53 7.67 11.12
N THR A 97 -16.50 8.25 10.50
CA THR A 97 -16.34 8.15 9.06
C THR A 97 -15.14 7.27 8.71
N ILE A 98 -15.31 6.48 7.65
CA ILE A 98 -14.30 5.54 7.19
C ILE A 98 -13.98 5.82 5.74
N GLU A 99 -12.73 6.18 5.46
CA GLU A 99 -12.31 6.31 4.08
C GLU A 99 -12.12 4.95 3.44
N THR A 100 -12.79 4.70 2.32
CA THR A 100 -12.57 3.48 1.56
C THR A 100 -12.41 3.81 0.08
N LYS A 101 -12.02 2.81 -0.70
CA LYS A 101 -11.85 3.01 -2.12
C LYS A 101 -13.18 3.25 -2.83
N ALA A 102 -14.28 2.88 -2.18
CA ALA A 102 -15.62 3.16 -2.73
C ALA A 102 -16.23 4.46 -2.19
N GLY A 103 -15.45 5.23 -1.45
CA GLY A 103 -15.95 6.48 -0.85
C GLY A 103 -15.87 6.50 0.67
N ILE A 104 -16.20 7.65 1.24
CA ILE A 104 -16.25 7.80 2.69
C ILE A 104 -17.59 7.26 3.20
N LEU A 105 -17.51 6.29 4.12
CA LEU A 105 -18.68 5.65 4.73
C LEU A 105 -19.00 6.23 6.09
N PRO A 106 -20.20 6.78 6.26
CA PRO A 106 -20.65 7.14 7.60
C PRO A 106 -21.15 5.90 8.35
N ILE A 107 -20.66 5.73 9.57
CA ILE A 107 -20.99 4.60 10.43
C ILE A 107 -21.60 5.10 11.71
N GLN A 108 -22.68 4.45 12.18
CA GLN A 108 -23.25 4.77 13.49
C GLN A 108 -22.90 3.65 14.46
N ILE A 109 -22.60 4.03 15.68
CA ILE A 109 -22.27 3.07 16.71
C ILE A 109 -23.30 3.23 17.81
N GLY A 110 -24.02 2.15 18.09
CA GLY A 110 -25.12 2.19 19.05
C GLY A 110 -25.05 1.01 19.98
N VAL A 111 -26.04 0.90 20.86
CA VAL A 111 -26.18 -0.26 21.73
C VAL A 111 -27.60 -0.77 21.59
N ASN A 112 -27.76 -2.09 21.43
CA ASN A 112 -29.10 -2.67 21.37
C ASN A 112 -29.70 -2.85 22.76
N GLU A 113 -30.87 -3.47 22.84
N GLU A 113 -30.84 -3.51 22.84
CA GLU A 113 -31.55 -3.63 24.12
CA GLU A 113 -31.60 -3.69 24.08
C GLU A 113 -30.70 -4.44 25.09
C GLU A 113 -30.89 -4.61 25.04
N ASN A 114 -29.98 -5.42 24.55
CA ASN A 114 -29.22 -6.35 25.40
C ASN A 114 -27.86 -5.79 25.84
N GLY A 115 -27.60 -4.54 25.47
CA GLY A 115 -26.41 -3.85 25.93
C GLY A 115 -25.22 -4.06 25.01
N GLU A 116 -25.45 -4.77 23.91
CA GLU A 116 -24.42 -5.08 22.92
CA GLU A 116 -24.36 -5.02 22.99
C GLU A 116 -24.21 -3.92 21.95
N THR A 117 -22.96 -3.60 21.64
CA THR A 117 -22.65 -2.58 20.66
C THR A 117 -23.00 -3.06 19.25
N PHE A 118 -23.74 -2.22 18.53
CA PHE A 118 -24.12 -2.49 17.16
C PHE A 118 -23.51 -1.45 16.23
N ILE A 119 -23.08 -1.90 15.06
CA ILE A 119 -22.46 -1.04 14.06
C ILE A 119 -23.42 -0.98 12.88
N LYS A 120 -23.79 0.23 12.48
CA LYS A 120 -24.86 0.45 11.49
C LYS A 120 -24.29 1.16 10.28
N ARG A 122 -25.08 2.29 5.85
CA ARG A 122 -26.03 2.46 4.75
CA ARG A 122 -26.04 2.44 4.76
C ARG A 122 -25.67 1.57 3.58
N GLN A 123 -26.68 0.95 2.97
CA GLN A 123 -26.45 0.20 1.73
C GLN A 123 -26.98 1.01 0.55
N THR A 124 -26.72 0.52 -0.65
CA THR A 124 -27.22 1.16 -1.86
C THR A 124 -28.72 0.93 -1.99
N ALA A 125 -29.44 1.91 -2.53
CA ALA A 125 -30.88 1.80 -2.67
C ALA A 125 -31.29 0.53 -3.42
N PRO A 126 -32.33 -0.16 -2.95
CA PRO A 126 -32.64 -1.46 -3.56
C PRO A 126 -33.14 -1.44 -5.00
N GLN A 127 -32.74 -2.46 -5.75
CA GLN A 127 -33.25 -2.74 -7.09
C GLN A 127 -33.76 -4.16 -7.13
N PHE A 128 -34.90 -4.36 -7.79
CA PHE A 128 -35.45 -5.69 -8.03
C PHE A 128 -35.73 -5.92 -9.51
N LYS A 129 -35.61 -7.18 -9.94
CA LYS A 129 -36.05 -7.63 -11.27
C LYS A 129 -36.80 -8.94 -11.09
N ASP A 130 -37.90 -9.17 -11.82
CA ASP A 130 -38.62 -10.44 -11.69
C ASP A 130 -37.78 -11.58 -12.26
N PHE A 131 -37.90 -12.76 -11.66
CA PHE A 131 -37.26 -13.95 -12.18
C PHE A 131 -38.21 -14.60 -13.16
N ALA A 132 -37.77 -14.73 -14.40
CA ALA A 132 -38.65 -15.24 -15.46
C ALA A 132 -38.29 -16.64 -15.94
N GLY A 133 -37.32 -17.25 -15.27
CA GLY A 133 -36.83 -18.58 -15.64
C GLY A 133 -37.72 -19.72 -15.15
N SER A 134 -37.18 -20.93 -15.18
CA SER A 134 -37.96 -22.10 -14.78
C SER A 134 -37.87 -22.34 -13.28
N LYS A 135 -39.03 -22.35 -12.62
CA LYS A 135 -39.08 -22.59 -11.17
C LYS A 135 -38.65 -24.01 -10.82
N GLU A 136 -39.03 -24.98 -11.64
CA GLU A 136 -38.59 -26.35 -11.36
C GLU A 136 -37.08 -26.48 -11.47
N GLU A 137 -36.47 -25.86 -12.47
CA GLU A 137 -35.02 -25.94 -12.66
C GLU A 137 -34.30 -25.25 -11.51
N LEU A 138 -34.86 -24.12 -11.07
CA LEU A 138 -34.34 -23.40 -9.92
C LEU A 138 -34.42 -24.26 -8.67
N ALA A 139 -35.57 -24.89 -8.44
CA ALA A 139 -35.73 -25.76 -7.29
C ALA A 139 -34.69 -26.88 -7.31
N HIS A 140 -34.54 -27.51 -8.46
CA HIS A 140 -33.60 -28.60 -8.60
C HIS A 140 -32.16 -28.16 -8.33
N SER A 141 -31.84 -26.92 -8.69
CA SER A 141 -30.46 -26.40 -8.56
C SER A 141 -30.05 -26.29 -7.09
N ILE A 142 -31.05 -26.19 -6.21
CA ILE A 142 -30.81 -26.18 -4.77
C ILE A 142 -31.29 -27.46 -4.08
N GLY A 143 -31.45 -28.52 -4.86
CA GLY A 143 -31.72 -29.84 -4.29
C GLY A 143 -33.14 -30.07 -3.84
N LEU A 144 -34.07 -29.27 -4.36
CA LEU A 144 -35.47 -29.32 -3.96
C LEU A 144 -36.37 -29.74 -5.12
N GLU A 145 -37.66 -29.88 -4.82
CA GLU A 145 -38.66 -30.07 -5.87
C GLU A 145 -39.52 -28.83 -5.94
N VAL A 146 -40.29 -28.69 -7.01
CA VAL A 146 -41.00 -27.45 -7.28
C VAL A 146 -42.07 -27.08 -6.21
N ASN A 147 -42.62 -28.09 -5.56
CA ASN A 147 -43.62 -27.85 -4.53
C ASN A 147 -43.01 -27.54 -3.16
N ASP A 148 -41.68 -27.40 -3.12
CA ASP A 148 -41.02 -26.87 -1.91
C ASP A 148 -40.99 -25.34 -1.92
N LEU A 149 -41.23 -24.74 -3.07
CA LEU A 149 -41.28 -23.28 -3.17
C LEU A 149 -42.56 -22.72 -2.58
N ASP A 150 -42.49 -21.51 -2.05
CA ASP A 150 -43.66 -20.81 -1.53
C ASP A 150 -44.31 -20.05 -2.69
N VAL A 151 -45.45 -20.54 -3.15
CA VAL A 151 -46.11 -19.96 -4.32
C VAL A 151 -46.66 -18.55 -4.06
N SER A 152 -46.82 -18.21 -2.78
CA SER A 152 -47.48 -16.96 -2.41
CA SER A 152 -47.48 -16.96 -2.39
C SER A 152 -46.60 -15.72 -2.49
N LEU A 153 -45.29 -15.93 -2.62
CA LEU A 153 -44.34 -14.83 -2.65
C LEU A 153 -43.45 -14.97 -3.89
N PRO A 154 -43.10 -13.83 -4.52
CA PRO A 154 -42.38 -13.85 -5.78
C PRO A 154 -40.90 -14.15 -5.67
N ILE A 155 -40.38 -14.85 -6.66
CA ILE A 155 -38.95 -15.05 -6.82
C ILE A 155 -38.43 -13.84 -7.58
N VAL A 156 -37.43 -13.17 -7.02
CA VAL A 156 -36.90 -11.96 -7.64
C VAL A 156 -35.39 -11.90 -7.49
N TYR A 157 -34.74 -11.24 -8.43
CA TYR A 157 -33.36 -10.78 -8.27
C TYR A 157 -33.46 -9.50 -7.46
N GLY A 158 -32.57 -9.34 -6.49
CA GLY A 158 -32.54 -8.13 -5.68
C GLY A 158 -31.10 -7.69 -5.39
N SER A 159 -30.89 -6.39 -5.27
CA SER A 159 -29.56 -5.86 -4.96
C SER A 159 -29.68 -4.63 -4.08
N THR A 160 -28.85 -4.60 -3.02
CA THR A 160 -28.55 -3.35 -2.31
C THR A 160 -27.04 -3.10 -2.39
N GLY A 161 -26.43 -3.57 -3.48
CA GLY A 161 -24.99 -3.50 -3.68
C GLY A 161 -24.46 -4.70 -4.45
N ASN A 162 -25.07 -5.87 -4.22
CA ASN A 162 -24.73 -7.09 -4.95
C ASN A 162 -25.99 -7.85 -5.31
N TRP A 163 -26.02 -8.49 -6.47
CA TRP A 163 -27.23 -9.17 -6.93
C TRP A 163 -27.36 -10.58 -6.34
N THR A 164 -28.51 -10.84 -5.73
CA THR A 164 -28.86 -12.19 -5.24
C THR A 164 -30.29 -12.50 -5.68
N VAL A 165 -30.65 -13.78 -5.69
CA VAL A 165 -32.02 -14.19 -6.01
C VAL A 165 -32.72 -14.58 -4.72
N ILE A 166 -33.77 -13.83 -4.38
CA ILE A 166 -34.59 -14.18 -3.23
C ILE A 166 -35.59 -15.25 -3.68
N VAL A 167 -35.48 -16.44 -3.10
CA VAL A 167 -36.31 -17.60 -3.45
C VAL A 167 -37.15 -18.04 -2.23
N PRO A 168 -38.41 -17.60 -2.16
CA PRO A 168 -39.26 -18.02 -1.03
C PRO A 168 -39.54 -19.52 -1.04
N VAL A 169 -39.25 -20.19 0.08
CA VAL A 169 -39.58 -21.60 0.26
C VAL A 169 -40.57 -21.77 1.42
N LYS A 170 -41.19 -22.94 1.52
CA LYS A 170 -42.31 -23.12 2.43
C LYS A 170 -41.97 -22.94 3.91
N ASN A 171 -40.85 -23.52 4.35
CA ASN A 171 -40.52 -23.52 5.78
C ASN A 171 -39.10 -23.96 6.08
N LEU A 172 -38.75 -24.09 7.37
CA LEU A 172 -37.39 -24.47 7.76
C LEU A 172 -37.04 -25.91 7.37
N ASP A 173 -38.03 -26.78 7.40
CA ASP A 173 -37.80 -28.16 6.97
C ASP A 173 -37.30 -28.21 5.54
N VAL A 174 -37.83 -27.33 4.68
CA VAL A 174 -37.35 -27.22 3.31
C VAL A 174 -35.90 -26.70 3.30
N CYS A 175 -35.64 -25.67 4.09
CA CYS A 175 -34.29 -25.11 4.11
C CYS A 175 -33.25 -26.16 4.51
N GLU A 176 -33.63 -27.03 5.45
CA GLU A 176 -32.71 -28.05 5.99
C GLU A 176 -32.31 -29.07 4.93
N ARG A 177 -33.18 -29.29 3.94
CA ARG A 177 -32.93 -30.25 2.87
C ARG A 177 -32.10 -29.70 1.71
N LYS A 179 -29.44 -28.44 -0.94
CA LYS A 179 -28.11 -28.83 -1.35
CA LYS A 179 -28.09 -28.82 -1.34
C LYS A 179 -27.79 -28.08 -2.63
N PRO A 180 -26.95 -27.03 -2.55
CA PRO A 180 -26.67 -26.21 -3.71
C PRO A 180 -25.82 -26.92 -4.78
N ASN A 181 -26.28 -26.83 -6.02
CA ASN A 181 -25.50 -27.21 -7.18
C ASN A 181 -25.05 -25.92 -7.89
N ASN A 182 -24.11 -25.20 -7.28
CA ASN A 182 -23.80 -23.84 -7.73
C ASN A 182 -23.38 -23.76 -9.19
N GLU A 183 -22.70 -24.79 -9.68
CA GLU A 183 -22.20 -24.79 -11.05
C GLU A 183 -23.31 -24.65 -12.09
N VAL A 184 -24.53 -25.04 -11.73
CA VAL A 184 -25.64 -25.00 -12.67
C VAL A 184 -26.44 -23.71 -12.58
N PHE A 185 -26.12 -22.86 -11.59
CA PHE A 185 -26.86 -21.61 -11.44
C PHE A 185 -26.94 -20.75 -12.71
N PRO A 186 -25.80 -20.51 -13.39
CA PRO A 186 -25.83 -19.65 -14.58
C PRO A 186 -26.85 -20.08 -15.64
N SER A 187 -27.09 -21.37 -15.77
CA SER A 187 -28.03 -21.87 -16.77
C SER A 187 -29.48 -21.59 -16.39
N VAL A 188 -29.73 -21.48 -15.08
CA VAL A 188 -31.07 -21.23 -14.57
C VAL A 188 -31.35 -19.74 -14.49
N LEU A 189 -30.31 -18.97 -14.17
CA LEU A 189 -30.44 -17.53 -13.95
C LEU A 189 -30.07 -16.70 -15.18
N LYS A 190 -30.89 -16.78 -16.23
CA LYS A 190 -30.56 -16.17 -17.52
C LYS A 190 -30.25 -14.68 -17.43
N GLU A 191 -31.07 -13.96 -16.67
CA GLU A 191 -30.99 -12.51 -16.61
C GLU A 191 -29.70 -12.04 -15.93
N ILE A 192 -29.33 -12.72 -14.84
CA ILE A 192 -28.14 -12.39 -14.08
C ILE A 192 -27.39 -13.68 -13.70
N PRO A 193 -26.64 -14.23 -14.66
CA PRO A 193 -26.07 -15.56 -14.52
C PRO A 193 -25.10 -15.70 -13.36
N ASN A 194 -24.50 -14.59 -12.90
CA ASN A 194 -23.52 -14.65 -11.82
C ASN A 194 -24.09 -14.27 -10.46
N ALA A 195 -25.41 -14.19 -10.34
CA ALA A 195 -26.03 -13.90 -9.04
C ALA A 195 -25.87 -15.06 -8.07
N SER A 196 -25.81 -14.74 -6.77
CA SER A 196 -25.95 -15.76 -5.74
C SER A 196 -27.43 -16.09 -5.60
N ILE A 197 -27.74 -17.17 -4.88
CA ILE A 197 -29.11 -17.55 -4.60
C ILE A 197 -29.36 -17.59 -3.09
N HIS A 198 -30.39 -16.85 -2.67
CA HIS A 198 -30.66 -16.70 -1.24
C HIS A 198 -32.11 -17.06 -0.89
N PRO A 199 -32.36 -18.36 -0.69
CA PRO A 199 -33.70 -18.80 -0.31
C PRO A 199 -34.11 -18.25 1.05
N ILE A 200 -35.41 -17.98 1.21
CA ILE A 200 -35.92 -17.40 2.44
C ILE A 200 -37.22 -18.06 2.89
N CYS A 201 -37.52 -17.95 4.18
CA CYS A 201 -38.87 -18.23 4.67
C CYS A 201 -39.18 -17.39 5.89
N LEU A 202 -40.46 -17.25 6.25
CA LEU A 202 -40.82 -16.43 7.40
C LEU A 202 -40.73 -17.18 8.73
N GLU A 203 -40.82 -18.52 8.68
CA GLU A 203 -40.55 -19.34 9.87
C GLU A 203 -39.08 -19.15 10.28
N THR A 204 -38.82 -19.01 11.57
CA THR A 204 -37.45 -18.80 12.04
C THR A 204 -37.08 -19.67 13.23
N TYR A 205 -35.78 -19.93 13.37
CA TYR A 205 -35.29 -20.63 14.54
C TYR A 205 -35.25 -19.74 15.78
N ASP A 206 -34.86 -18.49 15.58
CA ASP A 206 -34.66 -17.52 16.67
C ASP A 206 -35.95 -16.74 16.89
N GLU A 207 -36.26 -16.49 18.16
CA GLU A 207 -37.56 -15.91 18.51
C GLU A 207 -37.76 -14.45 18.05
N LYS A 208 -36.73 -13.63 18.17
CA LYS A 208 -36.89 -12.21 17.87
C LYS A 208 -36.85 -11.90 16.36
N VAL A 209 -36.74 -12.94 15.55
CA VAL A 209 -36.41 -12.79 14.13
C VAL A 209 -37.61 -12.94 13.20
N HIS A 210 -37.63 -12.15 12.13
CA HIS A 210 -38.78 -12.10 11.22
CA HIS A 210 -38.77 -12.12 11.22
C HIS A 210 -38.57 -12.88 9.90
N HIS A 212 -35.90 -15.93 7.85
CA HIS A 212 -34.80 -16.86 7.76
C HIS A 212 -34.29 -16.90 6.34
N GLY A 213 -32.97 -16.96 6.17
CA GLY A 213 -32.40 -17.20 4.84
C GLY A 213 -31.18 -18.11 4.87
N ARG A 214 -30.77 -18.57 3.69
CA ARG A 214 -29.53 -19.32 3.49
C ARG A 214 -28.87 -18.71 2.27
N HIS A 215 -27.55 -18.72 2.21
CA HIS A 215 -26.86 -18.05 1.11
C HIS A 215 -25.98 -19.00 0.31
N PHE A 216 -26.34 -19.21 -0.95
CA PHE A 216 -25.55 -20.05 -1.84
C PHE A 216 -24.79 -19.21 -2.87
N SER A 217 -23.47 -19.41 -2.91
CA SER A 217 -22.58 -18.55 -3.68
C SER A 217 -22.83 -18.73 -5.17
N SER A 218 -22.42 -17.73 -5.96
CA SER A 218 -22.59 -17.83 -7.39
C SER A 218 -21.68 -18.95 -7.91
N ALA A 219 -21.90 -19.33 -9.17
CA ALA A 219 -21.05 -20.35 -9.79
C ALA A 219 -19.61 -19.84 -9.88
N TYR A 220 -19.45 -18.53 -9.92
CA TYR A 220 -18.16 -17.90 -10.20
C TYR A 220 -17.37 -17.53 -8.94
N ALA A 221 -17.87 -17.98 -7.79
N ALA A 221 -17.90 -17.97 -7.80
CA ALA A 221 -17.31 -17.60 -6.49
CA ALA A 221 -17.17 -17.96 -6.55
C ALA A 221 -16.31 -18.61 -5.94
C ALA A 221 -16.54 -19.34 -6.38
N GLY A 222 -16.47 -19.88 -6.33
N GLY A 222 -15.52 -19.41 -5.55
CA GLY A 222 -15.62 -20.96 -5.83
CA GLY A 222 -14.87 -20.69 -5.28
C GLY A 222 -16.22 -21.63 -4.61
C GLY A 222 -15.46 -21.32 -4.05
N THR A 223 -16.63 -20.82 -3.64
CA THR A 223 -17.28 -21.29 -2.43
C THR A 223 -18.69 -21.80 -2.68
N ILE A 224 -19.26 -22.45 -1.66
CA ILE A 224 -20.59 -23.03 -1.77
C ILE A 224 -21.65 -22.27 -0.97
N GLU A 225 -21.31 -21.90 0.26
CA GLU A 225 -22.28 -21.27 1.17
C GLU A 225 -21.63 -20.29 2.16
N ASP A 226 -22.23 -19.11 2.31
CA ASP A 226 -21.75 -18.02 3.18
C ASP A 226 -22.52 -18.07 4.52
N PRO A 227 -21.83 -17.89 5.66
CA PRO A 227 -22.49 -18.04 6.97
C PRO A 227 -23.58 -16.99 7.35
N VAL A 228 -23.27 -15.71 7.18
CA VAL A 228 -24.20 -14.63 7.51
C VAL A 228 -23.85 -13.45 6.62
N THR A 229 -24.75 -13.09 5.73
CA THR A 229 -24.44 -12.23 4.59
C THR A 229 -25.17 -10.88 4.72
N GLY A 230 -24.42 -9.82 4.98
CA GLY A 230 -25.02 -8.51 5.22
C GLY A 230 -25.67 -7.92 3.97
N THR A 231 -25.01 -8.07 2.83
CA THR A 231 -25.57 -7.56 1.57
C THR A 231 -26.96 -8.18 1.29
N ALA A 232 -27.04 -9.51 1.34
CA ALA A 232 -28.30 -10.19 1.05
C ALA A 232 -29.36 -9.86 2.09
N SER A 233 -28.93 -9.64 3.32
CA SER A 233 -29.85 -9.31 4.40
C SER A 233 -30.56 -8.00 4.09
N GLY A 234 -29.80 -7.03 3.58
CA GLY A 234 -30.39 -5.75 3.19
C GLY A 234 -31.45 -5.94 2.13
N VAL A 235 -31.15 -6.78 1.13
CA VAL A 235 -32.14 -7.13 0.11
C VAL A 235 -33.38 -7.77 0.74
N GLY A 237 -34.58 -7.29 3.68
CA GLY A 237 -35.37 -6.24 4.35
C GLY A 237 -36.20 -5.46 3.37
N ALA A 238 -35.58 -5.07 2.25
CA ALA A 238 -36.32 -4.35 1.20
C ALA A 238 -37.44 -5.21 0.66
N TYR A 239 -37.16 -6.49 0.47
CA TYR A 239 -38.14 -7.44 -0.03
C TYR A 239 -39.31 -7.52 0.95
N TYR A 240 -39.01 -7.64 2.25
CA TYR A 240 -40.04 -7.74 3.28
C TYR A 240 -40.95 -6.51 3.24
N ALA A 241 -40.34 -5.33 3.15
CA ALA A 241 -41.08 -4.08 3.13
C ALA A 241 -41.88 -3.91 1.84
N THR A 242 -41.50 -4.62 0.78
CA THR A 242 -42.13 -4.45 -0.54
C THR A 242 -43.21 -5.51 -0.82
N TYR A 243 -43.02 -6.73 -0.30
CA TYR A 243 -43.91 -7.85 -0.61
C TYR A 243 -44.62 -8.47 0.59
N VAL A 244 -44.11 -8.26 1.79
CA VAL A 244 -44.61 -9.02 2.94
C VAL A 244 -45.39 -8.13 3.92
N GLU A 245 -44.73 -7.08 4.42
CA GLU A 245 -45.36 -6.17 5.36
C GLU A 245 -45.16 -4.76 4.85
N LYS A 246 -46.10 -4.30 4.02
CA LYS A 246 -45.92 -3.03 3.31
C LYS A 246 -46.43 -1.83 4.06
N ASP A 247 -47.26 -2.06 5.08
CA ASP A 247 -47.96 -0.98 5.75
C ASP A 247 -47.16 -0.46 6.91
N PHE A 248 -46.31 0.53 6.63
CA PHE A 248 -45.58 1.19 7.67
C PHE A 248 -45.44 2.67 7.35
N ASP A 249 -45.27 3.46 8.39
CA ASP A 249 -45.03 4.86 8.23
C ASP A 249 -43.58 5.17 8.58
N HIS A 250 -42.91 5.76 7.60
CA HIS A 250 -41.58 6.34 7.75
C HIS A 250 -40.44 5.33 7.93
N GLU A 251 -40.58 4.44 8.90
CA GLU A 251 -39.43 3.62 9.29
C GLU A 251 -39.92 2.31 9.88
N GLU A 253 -38.11 -1.76 11.15
CA GLU A 253 -36.93 -2.59 11.19
C GLU A 253 -37.31 -4.04 11.37
N LEU A 254 -36.42 -4.93 10.94
CA LEU A 254 -36.62 -6.34 11.17
C LEU A 254 -35.27 -6.99 11.38
N ILE A 255 -35.28 -8.18 11.95
CA ILE A 255 -34.05 -8.95 12.12
C ILE A 255 -34.20 -10.16 11.22
N VAL A 256 -33.13 -10.45 10.48
CA VAL A 256 -33.07 -11.66 9.70
C VAL A 256 -31.99 -12.57 10.29
N GLU A 257 -32.15 -13.87 10.11
CA GLU A 257 -31.19 -14.83 10.65
C GLU A 257 -30.63 -15.71 9.54
N GLN A 258 -29.44 -16.24 9.76
CA GLN A 258 -28.79 -17.07 8.76
C GLN A 258 -27.74 -17.91 9.43
N GLY A 259 -27.50 -19.10 8.87
CA GLY A 259 -26.37 -19.92 9.30
C GLY A 259 -26.70 -21.13 10.17
N GLN A 260 -27.94 -21.26 10.61
CA GLN A 260 -28.29 -22.33 11.54
C GLN A 260 -28.04 -23.72 10.93
N GLU A 261 -28.29 -23.85 9.63
CA GLU A 261 -28.14 -25.13 8.94
C GLU A 261 -26.67 -25.55 8.84
N ILE A 262 -25.77 -24.59 9.00
CA ILE A 262 -24.34 -24.92 9.06
C ILE A 262 -23.76 -24.62 10.44
N HIS A 263 -24.62 -24.72 11.45
CA HIS A 263 -24.18 -24.76 12.86
C HIS A 263 -23.73 -23.41 13.39
N LYS A 264 -24.22 -22.35 12.77
CA LYS A 264 -23.92 -21.00 13.19
C LYS A 264 -25.21 -20.33 13.67
N ASP A 265 -25.13 -19.05 14.00
CA ASP A 265 -26.34 -18.34 14.42
C ASP A 265 -26.15 -16.85 14.21
N GLY A 266 -26.33 -16.44 12.97
CA GLY A 266 -26.11 -15.06 12.58
C GLY A 266 -27.41 -14.29 12.57
N ARG A 267 -27.31 -13.01 12.91
CA ARG A 267 -28.46 -12.11 12.85
CA ARG A 267 -28.45 -12.11 12.89
C ARG A 267 -28.01 -10.78 12.30
N VAL A 268 -28.82 -10.23 11.41
CA VAL A 268 -28.60 -8.91 10.85
C VAL A 268 -29.86 -8.08 11.08
N THR A 269 -29.69 -6.89 11.65
CA THR A 269 -30.81 -5.96 11.76
C THR A 269 -30.90 -5.09 10.51
N VAL A 270 -32.09 -5.02 9.92
CA VAL A 270 -32.29 -4.23 8.70
C VAL A 270 -33.28 -3.11 8.95
N TYR A 271 -32.88 -1.89 8.63
CA TYR A 271 -33.74 -0.72 8.79
C TYR A 271 -34.20 -0.25 7.42
N VAL A 272 -35.52 -0.09 7.27
CA VAL A 272 -36.10 0.32 6.00
C VAL A 272 -36.79 1.65 6.22
N THR A 273 -36.36 2.66 5.48
CA THR A 273 -36.88 4.02 5.67
C THR A 273 -37.48 4.55 4.39
N LYS A 274 -38.60 5.24 4.49
CA LYS A 274 -39.06 5.98 3.32
C LYS A 274 -39.23 7.45 3.67
N ASP A 275 -38.87 8.28 2.71
CA ASP A 275 -39.01 9.71 2.86
C ASP A 275 -39.82 10.18 1.68
N VAL A 276 -40.64 11.20 1.91
CA VAL A 276 -41.54 11.72 0.87
C VAL A 276 -40.84 12.22 -0.41
N GLU A 277 -39.58 12.64 -0.31
CA GLU A 277 -38.81 13.11 -1.49
C GLU A 277 -37.97 12.01 -2.13
N SER A 278 -37.99 10.80 -1.56
N SER A 278 -38.03 10.82 -1.55
CA SER A 278 -37.14 9.74 -2.09
CA SER A 278 -37.25 9.70 -2.06
C SER A 278 -37.88 8.73 -2.96
C SER A 278 -38.01 8.92 -3.12
N GLU A 279 -37.29 8.39 -4.10
CA GLU A 279 -37.89 7.49 -5.08
C GLU A 279 -37.82 6.04 -4.67
N LYS A 280 -36.84 5.69 -3.84
CA LYS A 280 -36.64 4.31 -3.42
C LYS A 280 -36.59 4.25 -1.90
N LEU A 281 -36.73 3.05 -1.37
CA LEU A 281 -36.51 2.83 0.06
C LEU A 281 -35.04 3.08 0.38
N GLN A 282 -34.79 3.49 1.62
CA GLN A 282 -33.43 3.60 2.12
C GLN A 282 -33.20 2.38 2.99
N ILE A 283 -32.07 1.72 2.79
CA ILE A 283 -31.75 0.49 3.54
C ILE A 283 -30.48 0.68 4.33
N ASP A 284 -30.58 0.48 5.64
CA ASP A 284 -29.39 0.36 6.49
C ASP A 284 -29.34 -1.04 7.09
N ILE A 285 -28.15 -1.51 7.42
CA ILE A 285 -28.07 -2.72 8.23
C ILE A 285 -27.19 -2.46 9.44
N ALA A 286 -27.39 -3.28 10.47
CA ALA A 286 -26.57 -3.19 11.66
C ALA A 286 -26.32 -4.58 12.21
N GLY A 287 -25.15 -4.76 12.83
CA GLY A 287 -24.89 -6.02 13.46
C GLY A 287 -23.99 -5.79 14.65
N THR A 288 -23.99 -6.77 15.54
CA THR A 288 -22.98 -6.81 16.58
C THR A 288 -21.90 -7.78 16.12
N ALA A 289 -20.90 -7.99 16.97
CA ALA A 289 -19.80 -8.91 16.66
C ALA A 289 -19.21 -9.42 17.96
N VAL A 290 -18.26 -10.34 17.85
CA VAL A 290 -17.69 -10.94 19.04
C VAL A 290 -16.25 -11.39 18.78
N TYR A 291 -15.38 -11.16 19.76
CA TYR A 291 -14.00 -11.66 19.73
C TYR A 291 -14.00 -13.18 19.65
N VAL A 292 -13.15 -13.71 18.77
CA VAL A 292 -12.96 -15.15 18.70
C VAL A 292 -11.54 -15.54 19.17
N LYS A 293 -10.52 -15.01 18.49
CA LYS A 293 -9.14 -15.29 18.89
C LYS A 293 -8.17 -14.27 18.34
N GLU A 294 -6.92 -14.37 18.82
CA GLU A 294 -5.83 -13.56 18.32
C GLU A 294 -4.66 -14.47 18.05
N PHE A 295 -3.91 -14.20 17.00
CA PHE A 295 -2.78 -15.07 16.63
C PHE A 295 -1.74 -14.29 15.84
N GLU A 296 -0.56 -14.90 15.69
CA GLU A 296 0.55 -14.22 15.02
C GLU A 296 0.71 -14.75 13.62
N VAL A 297 1.00 -13.84 12.69
CA VAL A 297 1.37 -14.19 11.33
C VAL A 297 2.76 -13.62 11.06
N LEU A 298 3.61 -14.41 10.41
CA LEU A 298 4.96 -13.94 10.09
C LEU A 298 5.04 -13.55 8.63
N ILE A 299 5.62 -12.38 8.35
CA ILE A 299 5.78 -11.92 6.97
C ILE A 299 7.12 -11.23 6.74
N LYS B 2 -7.48 15.71 -1.61
CA LYS B 2 -6.42 15.77 -0.60
C LYS B 2 -5.35 16.79 -0.95
N THR B 3 -4.98 17.58 0.03
CA THR B 3 -3.92 18.57 -0.11
C THR B 3 -2.72 18.08 0.68
N ILE B 4 -1.65 17.77 -0.03
CA ILE B 4 -0.48 17.19 0.59
C ILE B 4 0.64 18.22 0.58
N ASN B 5 1.26 18.45 1.74
CA ASN B 5 2.43 19.31 1.80
C ASN B 5 3.64 18.52 1.33
N VAL B 6 4.35 19.06 0.35
CA VAL B 6 5.59 18.45 -0.13
C VAL B 6 6.75 19.39 0.16
N PHE B 7 7.77 18.86 0.83
CA PHE B 7 8.99 19.61 1.06
C PHE B 7 10.05 19.26 0.01
N HIS B 8 10.86 20.25 -0.30
CA HIS B 8 12.00 20.07 -1.17
C HIS B 8 13.24 20.49 -0.38
N TYR B 9 14.10 19.51 -0.10
CA TYR B 9 15.43 19.77 0.44
C TYR B 9 16.42 19.27 -0.60
N ASP B 10 17.54 19.97 -0.77
CA ASP B 10 18.64 19.48 -1.60
C ASP B 10 19.62 18.69 -0.74
N ALA B 11 19.93 17.48 -1.21
CA ALA B 11 20.85 16.61 -0.53
C ALA B 11 22.27 16.84 -1.00
N PHE B 12 23.22 16.58 -0.10
CA PHE B 12 24.67 16.66 -0.37
C PHE B 12 25.15 18.07 -0.70
N THR B 13 24.53 19.05 -0.05
CA THR B 13 24.97 20.44 -0.17
C THR B 13 24.50 21.22 1.05
N ASN B 14 25.15 22.35 1.31
CA ASN B 14 24.66 23.25 2.34
CA ASN B 14 24.73 23.27 2.34
C ASN B 14 24.05 24.53 1.79
N LYS B 15 23.98 24.63 0.46
CA LYS B 15 23.42 25.82 -0.18
C LYS B 15 22.16 25.47 -0.98
N PRO B 16 21.07 26.22 -0.79
CA PRO B 16 19.84 25.94 -1.51
C PRO B 16 20.05 25.84 -3.03
N ASN B 17 19.51 24.77 -3.61
CA ASN B 17 19.61 24.50 -5.05
C ASN B 17 20.97 24.17 -5.63
N GLY B 19 22.45 21.18 -4.76
CA GLY B 19 22.58 19.72 -4.54
C GLY B 19 21.58 18.89 -5.31
N ASN B 20 21.22 17.74 -4.75
CA ASN B 20 20.36 16.81 -5.44
C ASN B 20 18.95 16.89 -4.85
N PRO B 21 17.97 17.36 -5.66
CA PRO B 21 16.67 17.62 -5.06
C PRO B 21 15.99 16.38 -4.51
N ALA B 22 15.47 16.51 -3.30
CA ALA B 22 14.75 15.42 -2.66
C ALA B 22 13.35 15.92 -2.32
N GLY B 23 12.35 15.33 -2.97
CA GLY B 23 10.96 15.61 -2.62
C GLY B 23 10.65 14.79 -1.39
N ILE B 24 9.87 15.36 -0.47
CA ILE B 24 9.62 14.69 0.82
C ILE B 24 8.19 14.92 1.28
N VAL B 25 7.49 13.83 1.56
CA VAL B 25 6.23 13.91 2.29
C VAL B 25 6.50 13.41 3.73
N LEU B 26 6.35 14.30 4.70
CA LEU B 26 6.80 14.06 6.08
C LEU B 26 5.94 13.05 6.85
N ASP B 27 4.68 12.93 6.47
CA ASP B 27 3.78 11.94 7.07
C ASP B 27 2.83 11.44 5.98
N ALA B 28 3.17 10.26 5.46
CA ALA B 28 2.47 9.65 4.35
C ALA B 28 1.53 8.53 4.81
N ASP B 29 1.29 8.41 6.11
CA ASP B 29 0.44 7.31 6.61
C ASP B 29 -1.02 7.34 6.11
N GLY B 30 -1.45 8.46 5.53
CA GLY B 30 -2.81 8.55 4.98
C GLY B 30 -2.93 8.14 3.52
N LEU B 31 -1.80 7.74 2.92
CA LEU B 31 -1.71 7.53 1.48
C LEU B 31 -1.53 6.08 1.01
N THR B 32 -2.11 5.79 -0.15
CA THR B 32 -1.82 4.54 -0.82
C THR B 32 -0.60 4.66 -1.71
N GLU B 33 -0.10 3.52 -2.18
CA GLU B 33 0.97 3.46 -3.15
CA GLU B 33 0.99 3.49 -3.16
C GLU B 33 0.63 4.28 -4.41
N GLU B 34 -0.60 4.14 -4.89
CA GLU B 34 -1.04 4.88 -6.08
C GLU B 34 -0.97 6.38 -5.89
N GLU B 35 -1.39 6.84 -4.71
CA GLU B 35 -1.33 8.26 -4.39
C GLU B 35 0.13 8.73 -4.27
N GLN B 37 2.73 7.45 -5.74
CA GLN B 37 3.21 7.50 -7.12
C GLN B 37 2.73 8.74 -7.87
N ARG B 38 1.46 9.08 -7.69
CA ARG B 38 0.89 10.26 -8.33
CA ARG B 38 0.94 10.26 -8.37
C ARG B 38 1.53 11.55 -7.81
N ILE B 39 1.82 11.59 -6.52
CA ILE B 39 2.48 12.78 -5.98
C ILE B 39 3.88 12.90 -6.57
N ALA B 40 4.60 11.80 -6.62
CA ALA B 40 5.94 11.80 -7.20
C ALA B 40 5.92 12.29 -8.64
N GLU B 41 4.91 11.84 -9.39
CA GLU B 41 4.79 12.23 -10.79
C GLU B 41 4.54 13.73 -10.90
N LYS B 42 3.65 14.26 -10.06
CA LYS B 42 3.33 15.70 -10.12
CA LYS B 42 3.34 15.69 -10.14
C LYS B 42 4.53 16.58 -9.74
N VAL B 43 5.24 16.18 -8.68
CA VAL B 43 6.43 16.90 -8.20
C VAL B 43 7.53 16.90 -9.25
N GLY B 44 7.77 15.75 -9.89
CA GLY B 44 8.69 15.73 -11.01
C GLY B 44 10.16 15.60 -10.65
N PHE B 45 10.50 15.59 -9.36
CA PHE B 45 11.87 15.38 -8.93
CA PHE B 45 11.89 15.39 -8.99
C PHE B 45 12.32 13.98 -9.33
N ASN B 46 13.63 13.79 -9.47
CA ASN B 46 14.15 12.45 -9.79
C ASN B 46 13.65 11.41 -8.78
N GLU B 47 13.49 11.84 -7.53
CA GLU B 47 12.92 10.98 -6.49
C GLU B 47 12.19 11.80 -5.45
N THR B 48 11.04 11.29 -5.00
CA THR B 48 10.26 11.81 -3.86
C THR B 48 10.10 10.69 -2.84
N SER B 49 10.35 11.02 -1.57
CA SER B 49 10.36 10.03 -0.48
C SER B 49 9.15 10.23 0.40
N PHE B 50 8.68 9.14 1.02
CA PHE B 50 7.48 9.18 1.83
C PHE B 50 7.78 8.59 3.20
N VAL B 51 7.52 9.34 4.27
CA VAL B 51 7.80 8.89 5.61
C VAL B 51 6.57 8.21 6.20
N LEU B 52 6.78 7.00 6.69
CA LEU B 52 5.70 6.09 7.09
C LEU B 52 5.98 5.47 8.46
N SER B 53 4.94 4.95 9.11
CA SER B 53 5.12 4.28 10.39
C SER B 53 5.82 2.94 10.20
N SER B 54 6.57 2.54 11.22
CA SER B 54 7.24 1.24 11.23
C SER B 54 7.07 0.59 12.59
N GLU B 55 6.86 -0.73 12.58
CA GLU B 55 6.79 -1.51 13.81
C GLU B 55 8.16 -2.08 14.20
N VAL B 56 9.16 -1.95 13.33
CA VAL B 56 10.44 -2.63 13.57
C VAL B 56 11.65 -1.70 13.49
N ALA B 57 11.42 -0.43 13.21
CA ALA B 57 12.48 0.57 13.08
C ALA B 57 11.93 1.92 13.48
N ASP B 58 12.78 2.94 13.56
CA ASP B 58 12.31 4.25 13.98
C ASP B 58 11.27 4.82 13.03
N ILE B 59 11.53 4.71 11.72
CA ILE B 59 10.58 5.15 10.69
C ILE B 59 10.67 4.15 9.55
N ARG B 60 9.74 4.27 8.60
CA ARG B 60 9.75 3.50 7.37
C ARG B 60 9.77 4.49 6.21
N ARG B 62 9.37 4.91 1.79
CA ARG B 62 9.22 4.45 0.41
C ARG B 62 9.71 5.53 -0.54
N TYR B 63 10.29 5.11 -1.66
CA TYR B 63 10.98 6.01 -2.59
C TYR B 63 10.36 5.88 -3.97
N PHE B 64 10.03 7.00 -4.62
CA PHE B 64 9.43 6.93 -5.95
C PHE B 64 10.08 7.90 -6.93
N THR B 65 10.33 7.43 -8.16
CA THR B 65 10.60 8.35 -9.25
C THR B 65 9.24 8.81 -9.80
N PRO B 66 9.25 9.75 -10.74
CA PRO B 66 7.97 10.17 -11.30
C PRO B 66 7.15 9.04 -11.91
N GLY B 67 7.81 7.96 -12.31
CA GLY B 67 7.11 6.84 -12.96
C GLY B 67 7.01 5.52 -12.19
N TYR B 68 7.92 5.27 -11.25
CA TYR B 68 7.93 3.96 -10.58
C TYR B 68 8.63 3.97 -9.23
N GLU B 69 8.39 2.94 -8.43
CA GLU B 69 8.98 2.86 -7.10
C GLU B 69 10.40 2.32 -7.15
N ASP B 71 13.77 0.75 -4.72
CA ASP B 71 14.08 0.02 -3.50
C ASP B 71 14.94 0.85 -2.55
N LEU B 72 15.80 1.68 -3.13
CA LEU B 72 16.73 2.48 -2.33
C LEU B 72 17.01 3.83 -2.97
N CYS B 73 17.23 4.83 -2.12
CA CYS B 73 17.58 6.14 -2.62
C CYS B 73 18.37 6.85 -1.55
N GLY B 74 19.69 6.87 -1.74
CA GLY B 74 20.62 7.52 -0.82
C GLY B 74 20.34 9.00 -0.64
N HIS B 75 20.29 9.75 -1.73
CA HIS B 75 20.04 11.20 -1.59
C HIS B 75 18.69 11.53 -1.00
N GLY B 76 17.68 10.75 -1.33
CA GLY B 76 16.37 10.94 -0.72
C GLY B 76 16.42 10.66 0.77
N THR B 77 17.19 9.65 1.18
CA THR B 77 17.28 9.31 2.60
C THR B 77 17.98 10.44 3.36
N VAL B 78 19.07 10.94 2.79
CA VAL B 78 19.80 12.06 3.39
C VAL B 78 18.91 13.29 3.52
N GLY B 79 18.24 13.66 2.44
CA GLY B 79 17.38 14.84 2.49
C GLY B 79 16.25 14.67 3.50
N THR B 80 15.66 13.47 3.51
CA THR B 80 14.50 13.21 4.34
C THR B 80 14.83 13.20 5.82
N ILE B 81 15.89 12.49 6.20
CA ILE B 81 16.26 12.47 7.61
C ILE B 81 16.67 13.89 8.06
N TYR B 82 17.43 14.59 7.22
CA TYR B 82 17.83 15.95 7.56
C TYR B 82 16.60 16.82 7.82
N ALA B 83 15.59 16.70 6.96
CA ALA B 83 14.35 17.47 7.10
C ALA B 83 13.57 17.11 8.37
N LEU B 84 13.39 15.82 8.61
CA LEU B 84 12.68 15.38 9.79
C LEU B 84 13.33 15.94 11.04
N ARG B 85 14.66 15.86 11.08
CA ARG B 85 15.40 16.36 12.22
C ARG B 85 15.22 17.88 12.35
N GLU B 86 15.38 18.60 11.24
CA GLU B 86 15.27 20.05 11.24
C GLU B 86 13.92 20.51 11.78
N ARG B 87 12.88 19.78 11.44
CA ARG B 87 11.52 20.15 11.83
C ARG B 87 11.07 19.49 13.14
N GLY B 88 11.99 18.76 13.77
CA GLY B 88 11.77 18.19 15.11
C GLY B 88 10.79 17.03 15.13
N LEU B 89 10.73 16.31 14.02
CA LEU B 89 9.78 15.22 13.87
C LEU B 89 10.35 13.85 14.18
N LEU B 90 11.66 13.78 14.41
CA LEU B 90 12.38 12.58 14.84
C LEU B 90 12.94 12.85 16.21
N GLU B 91 13.01 11.83 17.06
CA GLU B 91 13.79 11.94 18.31
C GLU B 91 15.22 12.34 17.88
N GLU B 92 15.78 13.40 18.49
CA GLU B 92 17.08 13.89 18.07
C GLU B 92 18.17 12.95 18.56
N LYS B 93 18.66 12.11 17.65
CA LYS B 93 19.58 11.02 18.01
C LYS B 93 20.71 10.88 17.00
N ALA B 94 21.86 10.41 17.46
CA ALA B 94 23.01 10.18 16.60
C ALA B 94 22.90 8.89 15.81
N SER B 95 21.89 8.07 16.12
CA SER B 95 21.68 6.90 15.29
C SER B 95 20.23 6.52 15.27
N LEU B 96 19.79 6.02 14.13
CA LEU B 96 18.42 5.56 13.98
C LEU B 96 18.35 4.46 12.94
N THR B 97 17.18 3.85 12.81
CA THR B 97 16.98 2.83 11.80
C THR B 97 15.79 3.20 10.94
N ILE B 98 15.87 2.84 9.66
CA ILE B 98 14.83 3.11 8.68
C ILE B 98 14.41 1.79 8.05
N GLU B 99 13.14 1.44 8.16
CA GLU B 99 12.64 0.27 7.46
C GLU B 99 12.36 0.63 6.00
N THR B 100 12.90 -0.20 5.10
CA THR B 100 12.57 -0.09 3.68
C THR B 100 12.25 -1.46 3.13
N LYS B 101 11.73 -1.49 1.92
CA LYS B 101 11.39 -2.75 1.29
C LYS B 101 12.62 -3.66 1.14
N ALA B 102 13.78 -3.04 0.94
CA ALA B 102 15.04 -3.79 0.78
C ALA B 102 15.76 -4.13 2.09
N GLY B 103 15.20 -3.72 3.21
CA GLY B 103 15.80 -4.03 4.52
C GLY B 103 15.82 -2.84 5.46
N ILE B 104 16.30 -3.08 6.67
CA ILE B 104 16.41 -2.02 7.67
C ILE B 104 17.79 -1.36 7.55
N LEU B 105 17.79 -0.05 7.37
CA LEU B 105 19.03 0.71 7.19
C LEU B 105 19.44 1.38 8.50
N PRO B 106 20.63 1.05 9.02
CA PRO B 106 21.14 1.87 10.13
C PRO B 106 21.72 3.18 9.59
N ILE B 107 21.37 4.27 10.25
CA ILE B 107 21.79 5.61 9.87
C ILE B 107 22.51 6.26 11.05
N GLN B 108 23.59 6.99 10.77
CA GLN B 108 24.25 7.80 11.82
C GLN B 108 24.11 9.27 11.50
N ILE B 109 24.07 10.08 12.56
CA ILE B 109 23.96 11.53 12.42
C ILE B 109 25.01 12.16 13.31
N GLY B 110 25.66 13.20 12.79
CA GLY B 110 26.60 14.00 13.57
C GLY B 110 26.89 15.31 12.87
N VAL B 111 28.00 15.94 13.26
CA VAL B 111 28.42 17.22 12.68
C VAL B 111 29.70 16.98 11.89
N ASN B 112 29.76 17.52 10.68
CA ASN B 112 30.89 17.23 9.80
C ASN B 112 32.02 18.22 10.02
N GLU B 113 33.11 18.04 9.27
CA GLU B 113 34.28 18.90 9.41
C GLU B 113 33.92 20.36 9.14
N ASN B 114 32.93 20.57 8.27
CA ASN B 114 32.47 21.92 7.93
C ASN B 114 31.44 22.52 8.91
N GLY B 115 31.09 21.79 9.97
CA GLY B 115 30.15 22.29 10.97
C GLY B 115 28.68 22.06 10.66
N GLU B 116 28.41 21.29 9.62
CA GLU B 116 27.02 21.01 9.23
CA GLU B 116 27.05 20.99 9.18
C GLU B 116 26.60 19.62 9.70
N THR B 117 25.29 19.43 9.83
CA THR B 117 24.77 18.12 10.20
C THR B 117 24.85 17.14 9.04
N PHE B 118 25.52 16.01 9.29
CA PHE B 118 25.61 14.93 8.28
C PHE B 118 24.68 13.77 8.59
N ILE B 119 24.24 13.13 7.51
CA ILE B 119 23.49 11.87 7.58
C ILE B 119 24.37 10.81 6.92
N LYS B 120 24.68 9.75 7.65
CA LYS B 120 25.66 8.75 7.19
C LYS B 120 25.03 7.38 7.02
N ARG B 122 25.44 3.18 5.33
CA ARG B 122 26.29 2.07 4.91
C ARG B 122 25.87 1.61 3.51
N GLN B 123 26.87 1.43 2.62
CA GLN B 123 26.60 0.90 1.29
C GLN B 123 27.08 -0.56 1.23
N THR B 124 26.89 -1.21 0.10
CA THR B 124 27.31 -2.60 -0.04
C THR B 124 28.78 -2.68 -0.42
N ALA B 125 29.47 -3.77 -0.05
CA ALA B 125 30.88 -3.93 -0.36
C ALA B 125 31.07 -3.78 -1.86
N PRO B 126 32.16 -3.11 -2.29
CA PRO B 126 32.33 -2.84 -3.72
C PRO B 126 32.55 -4.09 -4.59
N GLN B 127 31.91 -4.08 -5.75
CA GLN B 127 32.14 -5.05 -6.82
C GLN B 127 32.67 -4.29 -8.04
N PHE B 128 33.64 -4.87 -8.72
CA PHE B 128 34.20 -4.25 -9.90
C PHE B 128 34.26 -5.25 -11.06
N LYS B 129 34.14 -4.74 -12.27
CA LYS B 129 34.44 -5.51 -13.47
C LYS B 129 35.20 -4.61 -14.43
N ASP B 130 36.24 -5.11 -15.09
CA ASP B 130 36.95 -4.30 -16.09
C ASP B 130 36.03 -3.92 -17.25
N PHE B 131 36.15 -2.70 -17.76
CA PHE B 131 35.42 -2.34 -18.97
C PHE B 131 36.23 -2.89 -20.14
N ALA B 132 35.63 -3.78 -20.89
CA ALA B 132 36.34 -4.46 -21.98
C ALA B 132 35.88 -4.01 -23.38
N GLY B 133 34.94 -3.07 -23.42
CA GLY B 133 34.42 -2.55 -24.67
C GLY B 133 35.33 -1.55 -25.35
N SER B 134 34.76 -0.75 -26.24
CA SER B 134 35.52 0.20 -27.04
C SER B 134 35.65 1.51 -26.29
N LYS B 135 36.89 1.92 -26.05
CA LYS B 135 37.15 3.20 -25.40
C LYS B 135 36.75 4.37 -26.30
N GLU B 136 36.83 4.18 -27.62
CA GLU B 136 36.40 5.21 -28.56
C GLU B 136 34.90 5.45 -28.45
N GLU B 137 34.12 4.37 -28.49
CA GLU B 137 32.67 4.52 -28.43
C GLU B 137 32.31 5.13 -27.08
N LEU B 138 33.01 4.70 -26.03
CA LEU B 138 32.75 5.22 -24.69
C LEU B 138 33.01 6.73 -24.63
N ALA B 139 34.16 7.14 -25.13
CA ALA B 139 34.50 8.55 -25.15
C ALA B 139 33.47 9.35 -25.95
N HIS B 140 33.07 8.85 -27.13
CA HIS B 140 32.12 9.57 -27.96
C HIS B 140 30.75 9.69 -27.31
N SER B 141 30.36 8.66 -26.56
CA SER B 141 29.06 8.65 -25.91
C SER B 141 28.95 9.75 -24.85
N ILE B 142 30.10 10.26 -24.40
CA ILE B 142 30.14 11.37 -23.44
C ILE B 142 30.67 12.68 -24.05
N GLY B 143 30.73 12.72 -25.38
CA GLY B 143 31.06 13.95 -26.11
C GLY B 143 32.54 14.26 -26.13
N LEU B 144 33.37 13.22 -26.01
CA LEU B 144 34.80 13.35 -25.93
C LEU B 144 35.49 12.59 -27.06
N GLU B 145 36.78 12.86 -27.25
CA GLU B 145 37.62 12.07 -28.13
C GLU B 145 38.35 11.07 -27.25
N VAL B 146 38.77 9.95 -27.83
CA VAL B 146 39.48 8.96 -27.03
C VAL B 146 40.73 9.51 -26.33
N ASN B 147 41.33 10.56 -26.89
CA ASN B 147 42.52 11.16 -26.31
C ASN B 147 42.27 11.89 -24.99
N ASP B 148 41.02 12.24 -24.74
CA ASP B 148 40.61 12.98 -23.54
C ASP B 148 40.55 12.08 -22.30
N LEU B 149 40.58 10.78 -22.51
CA LEU B 149 40.56 9.82 -21.42
C LEU B 149 41.93 9.74 -20.74
N ASP B 150 41.95 9.41 -19.46
CA ASP B 150 43.17 9.28 -18.68
C ASP B 150 43.65 7.83 -18.73
N VAL B 151 44.64 7.57 -19.59
CA VAL B 151 45.15 6.22 -19.79
C VAL B 151 45.80 5.60 -18.55
N SER B 152 46.21 6.42 -17.59
CA SER B 152 46.95 5.94 -16.42
C SER B 152 46.09 5.29 -15.33
N LEU B 153 44.77 5.40 -15.47
CA LEU B 153 43.85 4.81 -14.50
C LEU B 153 42.83 3.96 -15.26
N PRO B 154 42.41 2.85 -14.66
CA PRO B 154 41.52 1.88 -15.31
C PRO B 154 40.05 2.30 -15.40
N ILE B 155 39.41 1.95 -16.50
CA ILE B 155 37.96 2.10 -16.65
C ILE B 155 37.29 0.82 -16.14
N VAL B 156 36.45 0.96 -15.13
CA VAL B 156 35.81 -0.20 -14.52
C VAL B 156 34.33 0.03 -14.29
N TYR B 157 33.55 -1.03 -14.42
CA TYR B 157 32.22 -1.03 -13.82
C TYR B 157 32.42 -1.18 -12.32
N GLY B 158 31.68 -0.43 -11.53
CA GLY B 158 31.79 -0.51 -10.08
C GLY B 158 30.42 -0.40 -9.45
N SER B 159 30.21 -1.12 -8.34
CA SER B 159 28.95 -1.03 -7.61
C SER B 159 29.15 -1.12 -6.11
N THR B 160 28.50 -0.21 -5.41
CA THR B 160 28.28 -0.34 -3.98
C THR B 160 26.76 -0.29 -3.71
N GLY B 161 25.99 -0.71 -4.70
CA GLY B 161 24.53 -0.66 -4.61
C GLY B 161 23.90 -0.47 -5.98
N ASN B 162 24.58 0.29 -6.84
CA ASN B 162 24.15 0.51 -8.23
C ASN B 162 25.37 0.41 -9.14
N TRP B 163 25.25 -0.29 -10.26
CA TRP B 163 26.34 -0.34 -11.23
C TRP B 163 26.51 0.98 -11.97
N THR B 164 27.74 1.48 -11.96
CA THR B 164 28.10 2.65 -12.76
C THR B 164 29.46 2.40 -13.40
N VAL B 165 29.82 3.14 -14.44
CA VAL B 165 31.14 3.00 -15.04
C VAL B 165 32.03 4.17 -14.59
N ILE B 166 33.10 3.85 -13.86
CA ILE B 166 34.09 4.88 -13.51
C ILE B 166 34.98 5.11 -14.72
N VAL B 167 34.95 6.33 -15.25
CA VAL B 167 35.70 6.70 -16.48
C VAL B 167 36.72 7.82 -16.18
N PRO B 168 37.98 7.46 -15.86
CA PRO B 168 38.94 8.55 -15.62
C PRO B 168 39.24 9.38 -16.87
N VAL B 169 39.08 10.70 -16.72
CA VAL B 169 39.36 11.63 -17.82
C VAL B 169 40.48 12.58 -17.36
N LYS B 170 41.00 13.37 -18.29
CA LYS B 170 42.22 14.15 -18.06
CA LYS B 170 42.23 14.11 -18.04
C LYS B 170 42.09 15.07 -16.79
N ASN B 171 41.10 15.95 -16.85
CA ASN B 171 41.04 17.06 -15.94
C ASN B 171 39.69 17.79 -16.01
N LEU B 172 39.55 18.87 -15.27
CA LEU B 172 38.32 19.58 -15.25
C LEU B 172 37.93 20.19 -16.54
N ASP B 173 38.89 20.66 -17.32
CA ASP B 173 38.59 21.18 -18.65
C ASP B 173 37.90 20.12 -19.51
N VAL B 174 38.42 18.90 -19.49
CA VAL B 174 37.78 17.82 -20.23
C VAL B 174 36.40 17.51 -19.68
N CYS B 175 36.26 17.49 -18.36
CA CYS B 175 34.94 17.30 -17.74
C CYS B 175 33.93 18.33 -18.22
N GLU B 176 34.34 19.59 -18.33
CA GLU B 176 33.43 20.63 -18.82
C GLU B 176 33.01 20.46 -20.29
N ARG B 177 33.83 19.78 -21.08
CA ARG B 177 33.51 19.55 -22.48
C ARG B 177 32.49 18.45 -22.70
N LYS B 179 29.29 15.95 -22.90
CA LYS B 179 27.87 16.01 -23.14
C LYS B 179 27.41 14.59 -23.37
N PRO B 180 26.47 14.12 -22.54
CA PRO B 180 26.04 12.72 -22.59
C PRO B 180 25.07 12.43 -23.72
N ASN B 181 25.29 11.30 -24.39
CA ASN B 181 24.32 10.78 -25.34
C ASN B 181 23.76 9.49 -24.72
N ASN B 182 22.95 9.64 -23.69
CA ASN B 182 22.60 8.50 -22.84
C ASN B 182 21.94 7.34 -23.61
N GLU B 183 21.26 7.68 -24.70
CA GLU B 183 20.51 6.69 -25.45
C GLU B 183 21.42 5.61 -26.02
N VAL B 184 22.68 5.95 -26.24
CA VAL B 184 23.60 5.00 -26.87
C VAL B 184 24.35 4.16 -25.83
N PHE B 185 24.19 4.48 -24.54
CA PHE B 185 25.00 3.81 -23.52
C PHE B 185 24.83 2.27 -23.55
N PRO B 186 23.58 1.77 -23.66
CA PRO B 186 23.49 0.29 -23.65
C PRO B 186 24.29 -0.41 -24.75
N SER B 187 24.39 0.21 -25.91
CA SER B 187 25.13 -0.39 -27.03
C SER B 187 26.64 -0.34 -26.80
N VAL B 188 27.07 0.63 -26.00
CA VAL B 188 28.47 0.78 -25.67
C VAL B 188 28.90 -0.12 -24.50
N LEU B 189 28.02 -0.25 -23.52
CA LEU B 189 28.34 -0.96 -22.28
C LEU B 189 27.83 -2.39 -22.36
N LYS B 190 28.47 -3.17 -23.22
CA LYS B 190 28.04 -4.53 -23.52
CA LYS B 190 27.95 -4.49 -23.52
C LYS B 190 27.86 -5.41 -22.29
N GLU B 191 28.82 -5.31 -21.37
CA GLU B 191 28.77 -6.17 -20.17
C GLU B 191 27.65 -5.82 -19.20
N ILE B 192 27.37 -4.52 -19.04
CA ILE B 192 26.28 -4.06 -18.16
C ILE B 192 25.56 -2.91 -18.82
N PRO B 193 24.69 -3.20 -19.80
CA PRO B 193 24.05 -2.20 -20.64
C PRO B 193 23.23 -1.16 -19.90
N ASN B 194 22.72 -1.50 -18.72
CA ASN B 194 21.86 -0.60 -17.97
C ASN B 194 22.59 0.22 -16.90
N ALA B 195 23.92 0.13 -16.91
CA ALA B 195 24.74 0.95 -16.03
C ALA B 195 24.70 2.43 -16.42
N SER B 196 24.94 3.31 -15.44
CA SER B 196 25.18 4.72 -15.69
C SER B 196 26.68 4.91 -15.96
N ILE B 197 27.04 6.12 -16.37
CA ILE B 197 28.45 6.45 -16.65
C ILE B 197 28.88 7.62 -15.77
N HIS B 198 29.98 7.43 -15.06
CA HIS B 198 30.45 8.39 -14.06
C HIS B 198 31.93 8.75 -14.26
N PRO B 199 32.20 9.72 -15.14
CA PRO B 199 33.58 10.17 -15.35
C PRO B 199 34.14 10.82 -14.10
N ILE B 200 35.45 10.65 -13.88
CA ILE B 200 36.12 11.21 -12.74
C ILE B 200 37.46 11.83 -13.11
N CYS B 201 37.94 12.70 -12.24
CA CYS B 201 39.36 13.12 -12.28
C CYS B 201 39.75 13.59 -10.90
N LEU B 202 41.06 13.69 -10.64
CA LEU B 202 41.51 14.05 -9.30
C LEU B 202 41.68 15.56 -9.16
N GLU B 203 41.71 16.28 -10.27
CA GLU B 203 41.63 17.73 -10.19
C GLU B 203 40.23 18.14 -9.74
N THR B 204 40.17 19.07 -8.79
CA THR B 204 38.91 19.48 -8.17
C THR B 204 38.77 21.00 -8.16
N TYR B 205 37.52 21.47 -8.20
CA TYR B 205 37.24 22.89 -8.06
C TYR B 205 37.54 23.37 -6.64
N ASP B 206 37.22 22.55 -5.66
CA ASP B 206 37.54 22.84 -4.27
C ASP B 206 38.82 22.13 -3.86
N GLU B 207 39.83 22.90 -3.47
CA GLU B 207 41.13 22.32 -3.10
C GLU B 207 41.11 21.44 -1.86
N LYS B 208 40.04 21.52 -1.08
CA LYS B 208 39.89 20.71 0.12
CA LYS B 208 39.92 20.69 0.11
C LYS B 208 39.11 19.43 -0.15
N VAL B 209 38.89 19.11 -1.42
CA VAL B 209 38.22 17.87 -1.77
C VAL B 209 39.14 17.02 -2.63
N HIS B 210 38.86 15.73 -2.70
CA HIS B 210 39.84 14.76 -3.21
C HIS B 210 39.59 14.26 -4.63
N HIS B 212 36.79 14.55 -8.26
CA HIS B 212 35.70 15.19 -8.98
C HIS B 212 34.98 14.14 -9.81
N GLY B 213 33.64 14.17 -9.77
CA GLY B 213 32.83 13.22 -10.56
C GLY B 213 31.76 13.96 -11.32
N ARG B 214 31.20 13.30 -12.34
CA ARG B 214 30.00 13.76 -13.01
C ARG B 214 29.19 12.53 -13.30
N HIS B 215 27.86 12.65 -13.29
CA HIS B 215 27.02 11.46 -13.43
C HIS B 215 26.04 11.52 -14.57
N PHE B 216 26.24 10.64 -15.55
CA PHE B 216 25.35 10.54 -16.68
C PHE B 216 24.46 9.33 -16.52
N SER B 217 23.15 9.57 -16.43
CA SER B 217 22.19 8.52 -16.12
C SER B 217 22.14 7.41 -17.18
N SER B 218 21.73 6.23 -16.75
CA SER B 218 21.47 5.14 -17.69
C SER B 218 20.43 5.60 -18.70
N ALA B 219 20.43 4.95 -19.88
CA ALA B 219 19.40 5.23 -20.88
C ALA B 219 18.00 5.01 -20.29
N TYR B 220 17.85 3.95 -19.51
CA TYR B 220 16.56 3.61 -18.90
C TYR B 220 15.96 4.68 -17.97
N ALA B 221 16.80 5.40 -17.25
N ALA B 221 16.79 5.32 -17.16
CA ALA B 221 16.35 6.49 -16.37
CA ALA B 221 16.31 6.30 -16.19
C ALA B 221 15.51 7.54 -17.09
C ALA B 221 15.72 7.51 -16.92
N GLY B 222 14.82 8.38 -16.31
N GLY B 222 16.25 7.80 -18.10
CA GLY B 222 14.03 9.48 -16.87
CA GLY B 222 15.70 8.87 -18.93
C GLY B 222 14.81 10.78 -16.88
C GLY B 222 16.05 10.25 -18.44
N THR B 223 16.09 10.70 -16.52
N THR B 223 16.47 10.35 -17.18
CA THR B 223 16.98 11.86 -16.49
CA THR B 223 17.05 11.58 -16.67
C THR B 223 18.13 11.74 -17.50
C THR B 223 18.44 11.60 -17.27
N ILE B 224 18.96 12.78 -17.55
CA ILE B 224 20.15 12.85 -18.39
C ILE B 224 21.41 12.94 -17.50
N GLU B 225 21.33 13.76 -16.48
CA GLU B 225 22.45 13.97 -15.56
C GLU B 225 21.93 14.08 -14.14
N ASP B 226 22.54 13.34 -13.22
CA ASP B 226 22.22 13.44 -11.78
C ASP B 226 23.18 14.44 -11.14
N PRO B 227 22.65 15.38 -10.35
CA PRO B 227 23.50 16.44 -9.78
C PRO B 227 24.57 16.01 -8.76
N VAL B 228 24.20 15.17 -7.80
CA VAL B 228 25.16 14.72 -6.78
C VAL B 228 24.75 13.32 -6.39
N THR B 229 25.62 12.35 -6.68
CA THR B 229 25.20 10.96 -6.67
C THR B 229 25.89 10.20 -5.56
N GLY B 230 25.12 9.80 -4.55
CA GLY B 230 25.67 9.11 -3.40
C GLY B 230 26.22 7.72 -3.70
N THR B 231 25.47 6.93 -4.46
CA THR B 231 25.93 5.56 -4.81
C THR B 231 27.28 5.60 -5.55
N ALA B 232 27.35 6.40 -6.60
CA ALA B 232 28.55 6.51 -7.41
C ALA B 232 29.72 7.08 -6.61
N SER B 233 29.43 8.00 -5.70
CA SER B 233 30.49 8.55 -4.89
C SER B 233 31.12 7.47 -4.01
N GLY B 234 30.29 6.55 -3.51
CA GLY B 234 30.79 5.41 -2.70
C GLY B 234 31.67 4.54 -3.59
N VAL B 235 31.22 4.30 -4.83
CA VAL B 235 32.08 3.55 -5.78
C VAL B 235 33.41 4.28 -6.00
N GLY B 237 35.08 6.22 -3.92
CA GLY B 237 35.95 6.02 -2.78
C GLY B 237 36.59 4.64 -2.81
N ALA B 238 35.78 3.62 -3.10
CA ALA B 238 36.30 2.26 -3.24
C ALA B 238 37.36 2.19 -4.33
N TYR B 239 37.06 2.84 -5.45
CA TYR B 239 37.95 2.90 -6.61
C TYR B 239 39.26 3.55 -6.20
N TYR B 240 39.17 4.65 -5.45
CA TYR B 240 40.38 5.33 -4.97
C TYR B 240 41.25 4.38 -4.14
N ALA B 241 40.65 3.71 -3.17
CA ALA B 241 41.37 2.77 -2.30
C ALA B 241 41.89 1.53 -3.02
N THR B 242 41.31 1.21 -4.17
CA THR B 242 41.62 -0.03 -4.87
C THR B 242 42.63 0.20 -5.99
N TYR B 243 42.51 1.31 -6.70
CA TYR B 243 43.30 1.53 -7.91
C TYR B 243 44.23 2.74 -7.85
N VAL B 244 43.99 3.67 -6.94
CA VAL B 244 44.76 4.88 -6.91
C VAL B 244 45.79 4.86 -5.80
N GLU B 245 45.33 4.86 -4.56
CA GLU B 245 46.19 4.72 -3.38
C GLU B 245 45.78 3.61 -2.44
N LYS B 246 46.45 2.47 -2.63
CA LYS B 246 46.15 1.24 -1.89
C LYS B 246 46.77 1.21 -0.50
N ASP B 247 47.62 2.19 -0.20
CA ASP B 247 48.36 2.19 1.05
C ASP B 247 47.75 3.12 2.10
N PHE B 248 46.89 2.55 2.94
CA PHE B 248 46.38 3.28 4.11
C PHE B 248 46.20 2.34 5.28
N ASP B 249 46.15 2.90 6.48
CA ASP B 249 46.04 2.12 7.71
C ASP B 249 44.59 1.95 8.15
N HIS B 250 44.01 0.81 7.76
CA HIS B 250 42.69 0.39 8.23
C HIS B 250 41.50 1.20 7.71
N GLU B 251 41.54 2.53 7.85
CA GLU B 251 40.43 3.36 7.36
C GLU B 251 40.90 4.69 6.81
N GLU B 253 39.18 8.53 4.82
CA GLU B 253 38.01 9.32 4.42
C GLU B 253 38.42 10.24 3.31
N LEU B 254 37.54 10.40 2.33
CA LEU B 254 37.78 11.43 1.35
C LEU B 254 36.49 12.14 1.02
N ILE B 255 36.61 13.31 0.41
CA ILE B 255 35.44 14.05 -0.02
C ILE B 255 35.45 14.10 -1.55
N VAL B 256 34.28 13.84 -2.12
CA VAL B 256 34.06 13.90 -3.54
C VAL B 256 33.14 15.09 -3.83
N GLU B 257 33.41 15.79 -4.93
CA GLU B 257 32.55 16.91 -5.34
C GLU B 257 31.87 16.53 -6.64
N GLN B 258 30.69 17.10 -6.89
CA GLN B 258 29.96 16.83 -8.11
C GLN B 258 28.97 17.95 -8.35
N GLY B 259 28.71 18.26 -9.61
CA GLY B 259 27.64 19.18 -9.95
C GLY B 259 28.06 20.50 -10.56
N GLN B 260 29.35 20.85 -10.51
CA GLN B 260 29.79 22.17 -10.93
C GLN B 260 29.46 22.45 -12.41
N GLU B 261 29.57 21.44 -13.25
CA GLU B 261 29.30 21.63 -14.69
C GLU B 261 27.87 21.99 -15.02
N ILE B 262 26.94 21.65 -14.14
CA ILE B 262 25.57 22.11 -14.22
C ILE B 262 25.18 23.18 -13.19
N HIS B 263 26.17 23.86 -12.67
CA HIS B 263 26.03 25.03 -11.83
C HIS B 263 25.51 24.78 -10.43
N LYS B 264 25.88 23.62 -9.90
CA LYS B 264 25.62 23.19 -8.55
C LYS B 264 26.96 22.95 -7.85
N ASP B 265 26.90 22.48 -6.63
CA ASP B 265 28.12 22.32 -5.86
C ASP B 265 27.86 21.32 -4.73
N GLY B 266 27.88 20.05 -5.06
CA GLY B 266 27.58 19.01 -4.08
C GLY B 266 28.84 18.37 -3.52
N ARG B 267 28.71 17.80 -2.32
CA ARG B 267 29.80 17.13 -1.64
CA ARG B 267 29.80 17.13 -1.64
C ARG B 267 29.31 15.85 -1.01
N VAL B 268 30.05 14.76 -1.19
CA VAL B 268 29.77 13.52 -0.48
C VAL B 268 31.05 13.09 0.23
N THR B 269 30.93 12.80 1.51
CA THR B 269 32.05 12.25 2.26
C THR B 269 31.97 10.73 2.20
N VAL B 270 33.10 10.10 1.83
CA VAL B 270 33.15 8.66 1.65
C VAL B 270 34.12 8.07 2.66
N TYR B 271 33.65 7.06 3.39
CA TYR B 271 34.44 6.37 4.40
C TYR B 271 34.79 5.00 3.88
N VAL B 272 36.07 4.70 3.81
CA VAL B 272 36.57 3.43 3.31
C VAL B 272 37.29 2.70 4.46
N THR B 273 36.78 1.54 4.84
CA THR B 273 37.37 0.75 5.93
C THR B 273 37.79 -0.62 5.41
N LYS B 274 39.00 -1.05 5.76
CA LYS B 274 39.45 -2.41 5.48
C LYS B 274 38.84 -3.34 6.53
N ASP B 275 37.65 -3.83 6.24
CA ASP B 275 36.90 -4.66 7.17
C ASP B 275 37.57 -6.02 7.37
N VAL B 276 37.98 -6.31 8.60
CA VAL B 276 38.71 -7.55 8.86
C VAL B 276 37.80 -8.79 8.77
N GLU B 277 36.53 -8.64 9.11
CA GLU B 277 35.54 -9.71 9.01
C GLU B 277 35.35 -10.18 7.56
N SER B 278 34.81 -9.29 6.72
CA SER B 278 34.56 -9.61 5.32
C SER B 278 35.85 -9.71 4.52
N GLU B 279 36.95 -9.23 5.08
CA GLU B 279 38.20 -9.11 4.35
C GLU B 279 38.01 -8.41 3.00
N LYS B 280 37.03 -7.51 2.94
CA LYS B 280 36.83 -6.64 1.78
C LYS B 280 36.67 -5.21 2.27
N LEU B 281 36.73 -4.25 1.35
CA LEU B 281 36.44 -2.87 1.71
C LEU B 281 34.99 -2.74 2.19
N GLN B 282 34.80 -1.88 3.18
CA GLN B 282 33.49 -1.49 3.65
C GLN B 282 33.35 -0.02 3.33
N ILE B 283 32.18 0.39 2.83
CA ILE B 283 31.99 1.75 2.35
C ILE B 283 30.79 2.37 3.03
N ASP B 284 30.99 3.52 3.67
CA ASP B 284 29.89 4.41 4.07
C ASP B 284 30.01 5.72 3.32
N ILE B 285 28.88 6.41 3.19
CA ILE B 285 28.89 7.79 2.72
C ILE B 285 28.13 8.68 3.68
N ALA B 286 28.40 9.98 3.61
CA ALA B 286 27.62 10.95 4.39
C ALA B 286 27.53 12.26 3.64
N GLY B 287 26.47 13.01 3.91
CA GLY B 287 26.43 14.38 3.44
C GLY B 287 25.43 15.17 4.27
N THR B 288 25.39 16.46 4.00
CA THR B 288 24.44 17.33 4.66
C THR B 288 23.33 17.62 3.66
N ALA B 289 22.38 18.47 4.05
CA ALA B 289 21.28 18.86 3.18
C ALA B 289 20.75 20.22 3.58
N VAL B 290 19.84 20.76 2.78
CA VAL B 290 19.37 22.12 3.00
C VAL B 290 17.93 22.30 2.53
N TYR B 291 17.14 23.02 3.32
CA TYR B 291 15.78 23.38 2.94
C TYR B 291 15.79 24.22 1.67
N VAL B 292 14.89 23.93 0.74
CA VAL B 292 14.71 24.81 -0.41
C VAL B 292 13.31 25.43 -0.41
N LYS B 293 12.27 24.58 -0.36
CA LYS B 293 10.91 25.11 -0.39
C LYS B 293 9.87 24.14 0.14
N GLU B 294 8.64 24.64 0.31
CA GLU B 294 7.49 23.78 0.61
C GLU B 294 6.40 24.18 -0.37
N PHE B 295 5.61 23.21 -0.82
CA PHE B 295 4.49 23.54 -1.69
C PHE B 295 3.40 22.47 -1.59
N GLU B 296 2.19 22.81 -2.01
CA GLU B 296 1.08 21.88 -1.89
C GLU B 296 0.85 21.12 -3.18
N VAL B 297 0.48 19.85 -3.02
CA VAL B 297 0.08 19.02 -4.15
C VAL B 297 -1.32 18.50 -3.89
N LEU B 298 -2.22 18.73 -4.84
CA LEU B 298 -3.59 18.25 -4.73
C LEU B 298 -3.74 16.94 -5.50
N ILE B 299 -4.24 15.91 -4.82
CA ILE B 299 -4.50 14.63 -5.46
C ILE B 299 -5.93 14.21 -5.17
#